data_4E9O
#
_entry.id   4E9O
#
_cell.length_a   71.281
_cell.length_b   71.281
_cell.length_c   44.415
_cell.angle_alpha   90.00
_cell.angle_beta   90.00
_cell.angle_gamma   90.00
#
_symmetry.space_group_name_H-M   'P 41'
#
loop_
_entity.id
_entity.type
_entity.pdbx_description
1 polymer 'IMV membrane protein'
2 non-polymer 'IODIDE ION'
3 water water
#
_entity_poly.entity_id   1
_entity_poly.type   'polypeptide(L)'
_entity_poly.pdbx_seq_one_letter_code
;MPQQLSPINIETKKAISNARLKPLDIHYNESKPTTIQNTGKLVRINFKGGYISGGFLPNEYVLSSLHIYWGKEDDYGSNH
LIDVYKYSGEINLVHWNKKKYSSYEEAKKHDDGLIIISIFLQVLDHKNVYFQKIVNQLDSIRSANTSAPFDSVFYLDNLL
PSKLDYFTYLGTTINHSADAVWIIFPTPINIHSDQLSKFRTLLSLSNHEGKPHYITENYRNPYKLNDDTEVYYSGEIIRA
ATTSPARENYFMRWLSDLRETLEHHHHHH
;
_entity_poly.pdbx_strand_id   X
#
# COMPACT_ATOMS: atom_id res chain seq x y z
N PRO A 2 22.52 7.58 7.34
CA PRO A 2 22.25 6.41 6.51
C PRO A 2 20.80 6.40 6.03
N GLN A 3 20.48 5.52 5.07
CA GLN A 3 19.10 5.30 4.69
C GLN A 3 18.31 4.80 5.88
N GLN A 4 17.02 5.07 5.88
CA GLN A 4 16.10 4.46 6.81
C GLN A 4 15.37 3.35 6.11
N LEU A 5 15.62 2.11 6.52
CA LEU A 5 14.95 0.98 5.92
C LEU A 5 13.52 0.89 6.43
N SER A 6 12.62 0.49 5.54
CA SER A 6 11.22 0.36 5.85
C SER A 6 10.80 -1.12 5.75
N PRO A 7 9.70 -1.52 6.42
CA PRO A 7 8.83 -0.70 7.24
C PRO A 7 9.40 -0.55 8.66
N ILE A 8 8.67 0.18 9.50
CA ILE A 8 9.03 0.51 10.88
C ILE A 8 7.81 0.42 11.78
N ASN A 9 8.08 0.35 13.09
CA ASN A 9 7.08 0.64 14.11
C ASN A 9 7.03 2.15 14.32
N ILE A 10 5.84 2.72 14.22
CA ILE A 10 5.60 4.11 14.60
C ILE A 10 5.28 4.20 16.09
N GLU A 11 6.14 4.87 16.82
CA GLU A 11 5.91 5.13 18.23
CA GLU A 11 5.92 5.13 18.24
C GLU A 11 5.22 6.48 18.33
N THR A 12 3.91 6.45 18.58
CA THR A 12 3.09 7.65 18.57
C THR A 12 3.54 8.74 19.54
N LYS A 13 4.05 8.35 20.71
CA LYS A 13 4.49 9.32 21.72
C LYS A 13 5.76 10.07 21.30
N LYS A 14 6.45 9.53 20.28
CA LYS A 14 7.67 10.16 19.77
C LYS A 14 7.45 10.97 18.49
N ALA A 15 6.26 10.85 17.92
CA ALA A 15 5.92 11.57 16.69
C ALA A 15 5.85 13.07 16.94
N ILE A 16 6.20 13.86 15.93
CA ILE A 16 6.21 15.31 16.11
C ILE A 16 5.30 16.09 15.17
N SER A 17 4.93 17.29 15.62
CA SER A 17 4.05 18.17 14.87
C SER A 17 4.84 19.11 13.97
N ASN A 18 4.17 19.58 12.91
CA ASN A 18 4.70 20.59 11.99
C ASN A 18 3.54 21.22 11.22
N ALA A 19 3.57 22.55 11.11
CA ALA A 19 2.52 23.30 10.42
C ALA A 19 2.33 22.87 8.97
N ARG A 20 3.42 22.41 8.36
CA ARG A 20 3.43 21.91 6.98
C ARG A 20 2.43 20.78 6.73
N LEU A 21 2.15 20.01 7.79
CA LEU A 21 1.29 18.82 7.71
C LEU A 21 -0.21 19.16 7.67
N LYS A 22 -0.61 19.79 6.58
CA LYS A 22 -2.01 20.04 6.30
C LYS A 22 -2.62 18.73 5.81
N PRO A 23 -3.95 18.65 5.73
CA PRO A 23 -4.49 17.42 5.13
C PRO A 23 -4.02 17.27 3.69
N LEU A 24 -3.81 16.03 3.30
CA LEU A 24 -3.50 15.68 1.92
C LEU A 24 -4.70 16.01 1.03
N ASP A 25 -4.45 16.39 -0.22
CA ASP A 25 -5.48 16.51 -1.25
CA ASP A 25 -5.49 16.49 -1.24
C ASP A 25 -5.40 15.28 -2.14
N ILE A 26 -6.40 14.40 -2.07
CA ILE A 26 -6.33 13.15 -2.81
C ILE A 26 -7.27 13.20 -3.98
N HIS A 27 -6.74 12.92 -5.16
CA HIS A 27 -7.49 13.08 -6.40
C HIS A 27 -7.42 11.84 -7.24
N TYR A 28 -8.23 10.84 -6.88
CA TYR A 28 -8.30 9.59 -7.60
C TYR A 28 -9.49 9.53 -8.57
N ASN A 29 -10.11 10.68 -8.89
CA ASN A 29 -11.24 10.75 -9.84
C ASN A 29 -10.94 10.07 -11.15
N GLU A 30 -9.75 10.34 -11.66
CA GLU A 30 -9.35 9.93 -12.99
C GLU A 30 -8.61 8.61 -12.95
N SER A 31 -8.45 8.00 -11.77
CA SER A 31 -7.72 6.76 -11.64
CA SER A 31 -7.72 6.76 -11.68
C SER A 31 -8.51 5.59 -12.22
N LYS A 32 -7.84 4.75 -13.00
CA LYS A 32 -8.45 3.55 -13.54
C LYS A 32 -7.43 2.44 -13.44
N PRO A 33 -7.82 1.32 -12.81
CA PRO A 33 -6.91 0.19 -12.81
C PRO A 33 -6.83 -0.40 -14.21
N THR A 34 -5.63 -0.81 -14.63
CA THR A 34 -5.47 -1.40 -15.95
C THR A 34 -5.38 -2.92 -15.82
N THR A 35 -4.36 -3.38 -15.13
CA THR A 35 -4.15 -4.83 -14.93
C THR A 35 -3.82 -5.13 -13.49
N ILE A 36 -4.03 -6.38 -13.12
CA ILE A 36 -3.67 -6.90 -11.82
C ILE A 36 -2.69 -8.03 -12.03
N GLN A 37 -1.73 -8.15 -11.09
CA GLN A 37 -0.68 -9.15 -11.21
C GLN A 37 -0.42 -9.86 -9.90
N ASN A 38 -0.08 -11.15 -10.02
CA ASN A 38 0.58 -11.86 -8.93
C ASN A 38 2.04 -11.90 -9.34
N THR A 39 2.86 -11.12 -8.64
CA THR A 39 4.30 -11.04 -8.97
C THR A 39 5.07 -12.23 -8.44
N GLY A 40 4.42 -13.12 -7.70
CA GLY A 40 5.10 -14.19 -6.99
C GLY A 40 5.45 -13.78 -5.57
N LYS A 41 5.34 -12.48 -5.29
N LYS A 41 5.34 -12.49 -5.28
CA LYS A 41 5.59 -11.93 -3.96
CA LYS A 41 5.60 -11.97 -3.92
C LYS A 41 4.31 -11.35 -3.39
C LYS A 41 4.55 -10.99 -3.38
N LEU A 42 3.63 -10.57 -4.23
CA LEU A 42 2.50 -9.75 -3.80
C LEU A 42 1.51 -9.58 -4.96
N VAL A 43 0.36 -9.00 -4.61
CA VAL A 43 -0.59 -8.55 -5.61
C VAL A 43 -0.30 -7.07 -5.90
N ARG A 44 -0.16 -6.78 -7.19
CA ARG A 44 0.03 -5.42 -7.71
C ARG A 44 -1.12 -5.09 -8.66
N ILE A 45 -1.70 -3.91 -8.46
CA ILE A 45 -2.63 -3.37 -9.44
C ILE A 45 -1.98 -2.12 -10.04
N ASN A 46 -1.96 -2.06 -11.35
CA ASN A 46 -1.39 -0.93 -12.09
C ASN A 46 -2.50 0.07 -12.41
N PHE A 47 -2.23 1.38 -12.25
CA PHE A 47 -3.24 2.39 -12.53
C PHE A 47 -2.78 3.37 -13.57
N LYS A 48 -3.75 3.91 -14.31
CA LYS A 48 -3.54 5.11 -15.15
C LYS A 48 -4.38 6.22 -14.54
N GLY A 49 -3.75 7.34 -14.20
CA GLY A 49 -4.49 8.49 -13.67
C GLY A 49 -4.56 8.53 -12.15
N GLY A 50 -4.78 9.74 -11.63
CA GLY A 50 -4.85 9.90 -10.19
C GLY A 50 -3.59 10.57 -9.69
N TYR A 51 -3.75 11.38 -8.67
CA TYR A 51 -2.61 12.01 -8.04
C TYR A 51 -2.97 12.42 -6.63
N ILE A 52 -1.93 12.73 -5.86
CA ILE A 52 -2.08 13.38 -4.55
C ILE A 52 -1.33 14.70 -4.56
N SER A 53 -1.81 15.65 -3.77
CA SER A 53 -1.18 16.95 -3.66
C SER A 53 -1.50 17.54 -2.29
N GLY A 54 -1.15 18.80 -2.05
CA GLY A 54 -1.41 19.41 -0.77
C GLY A 54 -0.56 18.78 0.33
N GLY A 55 -1.06 18.76 1.56
CA GLY A 55 -0.29 18.29 2.69
C GLY A 55 1.04 19.02 2.75
N PHE A 56 2.14 18.27 2.89
CA PHE A 56 3.49 18.83 2.98
C PHE A 56 4.19 18.72 1.63
N LEU A 57 3.46 18.30 0.60
CA LEU A 57 4.06 17.98 -0.72
C LEU A 57 4.49 19.24 -1.44
N PRO A 58 5.62 19.21 -2.16
CA PRO A 58 6.05 20.39 -2.94
C PRO A 58 5.13 20.62 -4.14
N ASN A 59 4.54 19.54 -4.63
CA ASN A 59 3.65 19.56 -5.79
C ASN A 59 2.95 18.20 -5.84
N GLU A 60 2.16 18.00 -6.89
CA GLU A 60 1.42 16.75 -7.10
C GLU A 60 2.37 15.61 -7.41
N TYR A 61 2.01 14.43 -6.91
CA TYR A 61 2.69 13.17 -7.25
C TYR A 61 1.64 12.25 -7.87
N VAL A 62 1.97 11.64 -9.01
CA VAL A 62 0.98 10.83 -9.75
C VAL A 62 0.96 9.40 -9.25
N LEU A 63 -0.25 8.84 -9.14
CA LEU A 63 -0.43 7.44 -8.76
C LEU A 63 0.08 6.49 -9.86
N SER A 64 0.79 5.45 -9.44
CA SER A 64 1.22 4.42 -10.40
CA SER A 64 1.30 4.40 -10.34
C SER A 64 0.72 3.00 -10.05
N SER A 65 0.84 2.59 -8.79
CA SER A 65 0.46 1.22 -8.47
CA SER A 65 0.67 1.18 -8.41
C SER A 65 0.02 1.01 -7.05
N LEU A 66 -0.66 -0.11 -6.87
CA LEU A 66 -1.21 -0.53 -5.59
C LEU A 66 -0.57 -1.87 -5.27
N HIS A 67 -0.07 -2.06 -4.05
CA HIS A 67 0.48 -3.32 -3.57
C HIS A 67 -0.31 -3.79 -2.37
N ILE A 68 -0.47 -5.11 -2.21
CA ILE A 68 -1.20 -5.67 -1.05
C ILE A 68 -0.32 -6.69 -0.34
N TYR A 69 -0.33 -6.59 0.99
CA TYR A 69 0.43 -7.43 1.88
C TYR A 69 -0.49 -8.01 2.92
N TRP A 70 -0.18 -9.23 3.34
CA TRP A 70 -0.96 -9.96 4.34
C TRP A 70 -0.08 -10.91 5.11
N GLY A 71 -0.65 -11.54 6.14
CA GLY A 71 0.08 -12.50 6.99
C GLY A 71 -0.63 -13.85 7.01
N LYS A 72 -0.03 -14.82 7.70
CA LYS A 72 -0.60 -16.16 7.85
C LYS A 72 -1.90 -16.13 8.66
N GLU A 73 -1.93 -15.28 9.68
CA GLU A 73 -3.15 -15.16 10.49
C GLU A 73 -3.71 -13.78 10.30
N ASP A 74 -5.02 -13.69 10.45
CA ASP A 74 -5.72 -12.43 10.27
C ASP A 74 -5.29 -11.32 11.20
N ASP A 75 -4.69 -11.64 12.34
CA ASP A 75 -4.31 -10.61 13.29
C ASP A 75 -2.86 -10.16 13.17
N TYR A 76 -2.16 -10.59 12.12
CA TYR A 76 -0.73 -10.27 12.06
C TYR A 76 -0.24 -10.24 10.62
N GLY A 77 -0.50 -9.15 9.92
CA GLY A 77 -0.26 -9.13 8.50
C GLY A 77 0.25 -7.85 7.84
N SER A 78 0.30 -6.74 8.57
CA SER A 78 0.76 -5.48 7.97
C SER A 78 2.29 -5.40 7.96
N ASN A 79 2.83 -4.44 7.21
CA ASN A 79 4.28 -4.12 7.22
C ASN A 79 4.59 -3.13 8.37
N HIS A 80 3.92 -1.97 8.33
CA HIS A 80 4.07 -1.00 9.39
C HIS A 80 3.32 -1.41 10.64
N LEU A 81 3.81 -0.94 11.78
CA LEU A 81 3.09 -1.13 13.05
C LEU A 81 2.90 0.24 13.65
N ILE A 82 1.92 0.37 14.53
CA ILE A 82 1.76 1.60 15.27
C ILE A 82 1.71 1.21 16.74
N ASP A 83 2.66 1.72 17.50
CA ASP A 83 2.82 1.32 18.90
C ASP A 83 2.80 -0.20 19.07
N VAL A 84 3.55 -0.87 18.21
CA VAL A 84 3.73 -2.33 18.23
C VAL A 84 2.41 -3.11 17.97
N TYR A 85 1.41 -2.42 17.43
CA TYR A 85 0.19 -3.07 16.94
C TYR A 85 0.32 -3.32 15.46
N LYS A 86 0.13 -4.59 15.08
CA LYS A 86 0.09 -5.00 13.69
CA LYS A 86 0.10 -4.98 13.67
C LYS A 86 -1.35 -5.13 13.26
N TYR A 87 -1.69 -4.66 12.06
CA TYR A 87 -3.00 -4.82 11.50
C TYR A 87 -3.05 -6.11 10.66
N SER A 88 -4.20 -6.43 10.09
CA SER A 88 -4.38 -7.68 9.34
C SER A 88 -3.65 -7.72 8.01
N GLY A 89 -3.40 -6.55 7.46
CA GLY A 89 -2.78 -6.45 6.15
C GLY A 89 -2.54 -4.99 5.85
N GLU A 90 -1.99 -4.74 4.67
CA GLU A 90 -1.63 -3.37 4.29
C GLU A 90 -1.68 -3.18 2.78
N ILE A 91 -2.33 -2.12 2.36
CA ILE A 91 -2.32 -1.67 0.98
C ILE A 91 -1.32 -0.54 0.90
N ASN A 92 -0.48 -0.54 -0.12
CA ASN A 92 0.38 0.60 -0.43
C ASN A 92 0.02 1.20 -1.78
N LEU A 93 -0.12 2.51 -1.83
CA LEU A 93 -0.39 3.24 -3.08
C LEU A 93 0.86 4.05 -3.38
N VAL A 94 1.53 3.66 -4.46
CA VAL A 94 2.80 4.29 -4.86
C VAL A 94 2.54 5.45 -5.81
N HIS A 95 3.17 6.58 -5.51
CA HIS A 95 3.07 7.79 -6.35
C HIS A 95 4.47 8.31 -6.60
N TRP A 96 4.62 9.01 -7.73
CA TRP A 96 5.94 9.51 -8.11
C TRP A 96 5.89 10.94 -8.64
N ASN A 97 7.04 11.58 -8.56
CA ASN A 97 7.16 13.00 -8.87
C ASN A 97 7.39 13.18 -10.37
N LYS A 98 6.31 13.04 -11.15
CA LYS A 98 6.33 13.23 -12.61
C LYS A 98 6.61 14.67 -13.00
N LYS A 99 6.20 15.62 -12.16
CA LYS A 99 6.47 17.04 -12.43
C LYS A 99 7.97 17.23 -12.59
N LYS A 100 8.74 16.57 -11.73
CA LYS A 100 10.19 16.83 -11.68
C LYS A 100 11.01 15.84 -12.51
N TYR A 101 10.61 14.58 -12.52
CA TYR A 101 11.39 13.51 -13.17
C TYR A 101 10.70 12.90 -14.42
N SER A 102 11.48 12.24 -15.28
CA SER A 102 10.97 11.77 -16.59
C SER A 102 10.15 10.47 -16.56
N SER A 103 10.49 9.59 -15.62
CA SER A 103 9.83 8.30 -15.46
CA SER A 103 9.83 8.31 -15.47
C SER A 103 9.89 7.94 -14.00
N TYR A 104 9.15 6.90 -13.64
CA TYR A 104 9.19 6.33 -12.32
C TYR A 104 10.62 5.89 -12.03
N GLU A 105 11.34 5.40 -13.05
CA GLU A 105 12.72 4.91 -12.84
C GLU A 105 13.69 6.02 -12.45
N GLU A 106 13.53 7.20 -13.04
CA GLU A 106 14.32 8.36 -12.63
C GLU A 106 13.90 8.84 -11.24
N ALA A 107 12.59 8.92 -11.02
CA ALA A 107 12.08 9.37 -9.73
C ALA A 107 12.63 8.53 -8.57
N LYS A 108 12.71 7.21 -8.77
CA LYS A 108 13.20 6.25 -7.75
C LYS A 108 14.60 6.58 -7.26
N LYS A 109 15.37 7.33 -8.05
CA LYS A 109 16.77 7.62 -7.72
C LYS A 109 16.96 8.79 -6.74
N HIS A 110 15.87 9.41 -6.32
CA HIS A 110 15.92 10.64 -5.49
C HIS A 110 14.98 10.57 -4.31
N ASP A 111 15.39 11.18 -3.17
CA ASP A 111 14.56 11.08 -1.96
C ASP A 111 13.29 11.92 -2.01
N ASP A 112 13.13 12.73 -3.06
CA ASP A 112 11.85 13.42 -3.31
C ASP A 112 11.06 12.83 -4.47
N GLY A 113 11.45 11.64 -4.89
CA GLY A 113 10.84 10.97 -6.04
C GLY A 113 9.56 10.24 -5.77
N LEU A 114 9.48 9.54 -4.62
CA LEU A 114 8.36 8.63 -4.35
C LEU A 114 7.64 8.97 -3.04
N ILE A 115 6.32 8.86 -3.10
CA ILE A 115 5.50 8.96 -1.89
C ILE A 115 4.55 7.77 -1.91
N ILE A 116 4.58 7.02 -0.81
CA ILE A 116 3.77 5.82 -0.69
C ILE A 116 2.78 5.99 0.45
N ILE A 117 1.51 5.81 0.13
CA ILE A 117 0.42 5.83 1.11
C ILE A 117 0.17 4.43 1.61
N SER A 118 0.08 4.27 2.93
CA SER A 118 -0.32 3.02 3.55
CA SER A 118 -0.32 3.02 3.60
C SER A 118 -1.73 3.08 4.11
N ILE A 119 -2.54 2.12 3.70
CA ILE A 119 -3.90 1.94 4.19
C ILE A 119 -3.89 0.57 4.85
N PHE A 120 -4.16 0.50 6.14
CA PHE A 120 -4.22 -0.79 6.82
C PHE A 120 -5.53 -1.50 6.59
N LEU A 121 -5.43 -2.82 6.53
CA LEU A 121 -6.61 -3.69 6.54
C LEU A 121 -6.84 -4.26 7.92
N GLN A 122 -8.10 -4.25 8.37
CA GLN A 122 -8.48 -4.83 9.66
CA GLN A 122 -8.46 -4.84 9.64
C GLN A 122 -9.59 -5.84 9.44
N VAL A 123 -9.34 -7.10 9.75
CA VAL A 123 -10.40 -8.08 9.66
C VAL A 123 -11.36 -7.88 10.82
N LEU A 124 -12.63 -7.64 10.51
CA LEU A 124 -13.65 -7.34 11.52
C LEU A 124 -15.01 -7.89 11.12
N ASP A 125 -15.04 -9.04 10.46
CA ASP A 125 -16.35 -9.70 10.18
C ASP A 125 -17.31 -8.79 9.37
N HIS A 126 -16.74 -8.00 8.50
CA HIS A 126 -17.48 -7.04 7.69
C HIS A 126 -17.07 -7.25 6.26
N LYS A 127 -17.94 -7.78 5.41
CA LYS A 127 -17.60 -7.93 4.00
CA LYS A 127 -17.56 -7.91 4.01
C LYS A 127 -17.55 -6.53 3.36
N ASN A 128 -16.37 -6.16 2.89
CA ASN A 128 -16.12 -4.85 2.29
C ASN A 128 -16.34 -4.92 0.79
N VAL A 129 -17.40 -4.28 0.30
CA VAL A 129 -17.84 -4.41 -1.08
C VAL A 129 -16.83 -3.78 -2.06
N TYR A 130 -16.05 -2.80 -1.59
CA TYR A 130 -15.08 -2.10 -2.42
C TYR A 130 -13.84 -2.96 -2.54
N PHE A 131 -13.37 -3.50 -1.42
CA PHE A 131 -12.24 -4.43 -1.43
C PHE A 131 -12.58 -5.70 -2.20
N GLN A 132 -13.85 -6.13 -2.16
CA GLN A 132 -14.28 -7.33 -2.89
C GLN A 132 -13.98 -7.22 -4.38
N LYS A 133 -13.94 -6.00 -4.95
CA LYS A 133 -13.62 -5.80 -6.37
CA LYS A 133 -13.65 -5.85 -6.37
C LYS A 133 -12.26 -6.43 -6.66
N ILE A 134 -11.32 -6.25 -5.73
CA ILE A 134 -10.00 -6.84 -5.87
C ILE A 134 -10.01 -8.34 -5.64
N VAL A 135 -10.66 -8.78 -4.57
CA VAL A 135 -10.77 -10.20 -4.24
C VAL A 135 -11.29 -11.01 -5.42
N ASN A 136 -12.29 -10.45 -6.11
N ASN A 136 -12.29 -10.51 -6.11
CA ASN A 136 -12.98 -11.08 -7.26
CA ASN A 136 -12.88 -11.30 -7.18
C ASN A 136 -12.19 -11.09 -8.57
C ASN A 136 -11.88 -11.56 -8.31
N GLN A 137 -10.94 -10.65 -8.49
CA GLN A 137 -10.00 -10.72 -9.62
C GLN A 137 -8.89 -11.76 -9.33
N LEU A 138 -8.82 -12.28 -8.11
CA LEU A 138 -7.68 -13.11 -7.74
C LEU A 138 -7.64 -14.46 -8.45
N ASP A 139 -8.79 -14.98 -8.86
CA ASP A 139 -8.86 -16.29 -9.52
CA ASP A 139 -8.88 -16.28 -9.53
C ASP A 139 -8.06 -16.28 -10.82
N SER A 140 -7.91 -15.12 -11.42
CA SER A 140 -7.20 -14.95 -12.69
CA SER A 140 -7.19 -14.95 -12.70
C SER A 140 -5.67 -14.89 -12.58
N ILE A 141 -5.16 -14.73 -11.37
CA ILE A 141 -3.73 -14.55 -11.15
C ILE A 141 -3.19 -15.53 -10.09
N ARG A 142 -3.71 -16.75 -10.13
CA ARG A 142 -3.34 -17.75 -9.14
C ARG A 142 -1.85 -18.11 -9.22
N SER A 143 -1.35 -18.44 -10.42
CA SER A 143 0.06 -18.77 -10.57
C SER A 143 0.95 -17.54 -10.43
N ALA A 144 2.22 -17.77 -10.09
CA ALA A 144 3.16 -16.67 -9.94
C ALA A 144 3.48 -16.10 -11.30
N ASN A 145 3.80 -14.81 -11.27
CA ASN A 145 4.13 -14.05 -12.46
C ASN A 145 3.03 -14.09 -13.53
N THR A 146 1.83 -13.76 -13.07
CA THR A 146 0.66 -13.72 -13.93
C THR A 146 0.13 -12.29 -13.98
N SER A 147 -0.67 -12.04 -15.02
CA SER A 147 -1.27 -10.73 -15.25
C SER A 147 -2.66 -10.94 -15.83
N ALA A 148 -3.58 -10.06 -15.45
CA ALA A 148 -4.93 -10.06 -16.03
C ALA A 148 -5.47 -8.66 -16.13
N PRO A 149 -6.28 -8.37 -17.15
CA PRO A 149 -7.03 -7.11 -17.16
C PRO A 149 -7.89 -6.97 -15.93
N PHE A 150 -7.91 -5.78 -15.35
CA PHE A 150 -8.85 -5.47 -14.27
C PHE A 150 -10.11 -4.91 -14.93
N ASP A 151 -11.12 -5.72 -15.29
N ASP A 151 -11.08 -5.82 -15.06
CA ASP A 151 -12.25 -5.17 -16.08
CA ASP A 151 -12.24 -5.67 -15.91
C ASP A 151 -13.27 -4.38 -15.28
C ASP A 151 -13.54 -5.43 -15.15
N SER A 152 -13.42 -4.74 -14.01
CA SER A 152 -14.52 -4.21 -13.21
CA SER A 152 -14.55 -4.21 -13.29
C SER A 152 -14.31 -2.73 -13.00
N VAL A 153 -15.40 -1.95 -12.99
CA VAL A 153 -15.32 -0.53 -12.61
C VAL A 153 -14.88 -0.49 -11.15
N PHE A 154 -13.96 0.40 -10.83
CA PHE A 154 -13.39 0.43 -9.49
C PHE A 154 -12.96 1.84 -9.22
N TYR A 155 -13.42 2.37 -8.09
CA TYR A 155 -13.06 3.72 -7.69
C TYR A 155 -12.15 3.63 -6.49
N LEU A 156 -10.87 3.91 -6.72
CA LEU A 156 -9.87 3.74 -5.69
C LEU A 156 -10.14 4.53 -4.41
N ASP A 157 -10.74 5.71 -4.56
CA ASP A 157 -11.06 6.49 -3.35
C ASP A 157 -12.03 5.82 -2.39
N ASN A 158 -12.77 4.82 -2.88
CA ASN A 158 -13.60 4.01 -1.98
C ASN A 158 -12.82 3.12 -1.03
N LEU A 159 -11.50 2.96 -1.22
CA LEU A 159 -10.67 2.23 -0.26
C LEU A 159 -9.98 3.17 0.72
N LEU A 160 -10.20 4.47 0.62
CA LEU A 160 -9.63 5.39 1.59
C LEU A 160 -10.27 5.18 2.95
N PRO A 161 -9.48 5.27 4.01
CA PRO A 161 -10.01 5.20 5.36
C PRO A 161 -11.02 6.30 5.65
N SER A 162 -11.81 6.10 6.68
CA SER A 162 -12.82 7.06 7.05
C SER A 162 -12.26 8.37 7.57
N LYS A 163 -11.03 8.32 8.13
CA LYS A 163 -10.37 9.52 8.61
C LYS A 163 -8.97 9.51 8.04
N LEU A 164 -8.49 10.68 7.65
CA LEU A 164 -7.26 10.76 6.83
C LEU A 164 -6.12 11.52 7.51
N ASP A 165 -6.17 11.62 8.84
CA ASP A 165 -4.96 12.02 9.58
C ASP A 165 -3.85 11.00 9.29
N TYR A 166 -2.61 11.47 9.35
CA TYR A 166 -1.49 10.60 8.91
C TYR A 166 -0.21 10.84 9.68
N PHE A 167 0.61 9.80 9.71
CA PHE A 167 2.02 9.92 10.08
C PHE A 167 2.86 9.95 8.82
N THR A 168 4.00 10.62 8.87
CA THR A 168 4.88 10.62 7.72
C THR A 168 6.33 10.52 8.17
N TYR A 169 7.11 9.77 7.39
CA TYR A 169 8.56 9.70 7.62
C TYR A 169 9.27 9.39 6.31
N LEU A 170 10.55 9.70 6.27
CA LEU A 170 11.38 9.32 5.13
C LEU A 170 11.99 7.93 5.38
N GLY A 171 11.61 6.98 4.52
CA GLY A 171 12.11 5.60 4.61
C GLY A 171 12.54 5.16 3.22
N THR A 172 12.16 3.92 2.91
CA THR A 172 12.45 3.30 1.63
C THR A 172 11.24 2.55 1.13
N THR A 173 11.30 2.16 -0.15
CA THR A 173 10.32 1.19 -0.63
C THR A 173 10.51 -0.12 0.15
N ILE A 174 9.50 -0.97 0.14
CA ILE A 174 9.57 -2.19 0.94
C ILE A 174 10.66 -3.14 0.44
N ASN A 175 10.96 -3.15 -0.86
CA ASN A 175 12.08 -3.94 -1.37
C ASN A 175 13.45 -3.24 -1.26
N HIS A 176 13.43 -2.03 -0.69
CA HIS A 176 14.62 -1.22 -0.41
C HIS A 176 15.38 -0.73 -1.65
N SER A 177 14.76 -0.84 -2.82
CA SER A 177 15.40 -0.37 -4.05
C SER A 177 15.49 1.16 -4.20
N ALA A 178 14.71 1.88 -3.39
CA ALA A 178 14.66 3.34 -3.48
C ALA A 178 14.28 3.96 -2.15
N ASP A 179 14.73 5.20 -1.91
CA ASP A 179 14.15 6.00 -0.84
C ASP A 179 12.67 6.24 -1.17
N ALA A 180 11.87 6.44 -0.11
CA ALA A 180 10.47 6.83 -0.28
C ALA A 180 9.97 7.53 0.97
N VAL A 181 9.14 8.55 0.78
CA VAL A 181 8.44 9.16 1.88
C VAL A 181 7.11 8.41 2.05
N TRP A 182 6.82 8.02 3.28
CA TRP A 182 5.61 7.32 3.62
C TRP A 182 4.56 8.24 4.21
N ILE A 183 3.31 8.00 3.85
CA ILE A 183 2.15 8.63 4.49
C ILE A 183 1.28 7.49 5.01
N ILE A 184 1.16 7.38 6.34
CA ILE A 184 0.55 6.23 6.96
C ILE A 184 -0.70 6.66 7.69
N PHE A 185 -1.85 6.16 7.26
CA PHE A 185 -3.13 6.46 7.90
C PHE A 185 -3.35 5.47 9.04
N PRO A 186 -3.50 5.93 10.31
CA PRO A 186 -3.69 4.93 11.36
C PRO A 186 -5.08 4.27 11.36
N THR A 187 -6.08 4.92 10.76
CA THR A 187 -7.42 4.38 10.75
C THR A 187 -7.49 3.34 9.63
N PRO A 188 -7.76 2.06 9.95
CA PRO A 188 -7.82 1.02 8.92
C PRO A 188 -9.17 1.02 8.20
N ILE A 189 -9.22 0.28 7.09
CA ILE A 189 -10.50 -0.09 6.49
C ILE A 189 -10.80 -1.51 6.96
N ASN A 190 -12.07 -1.84 7.05
CA ASN A 190 -12.54 -3.08 7.63
C ASN A 190 -12.93 -4.07 6.56
N ILE A 191 -12.44 -5.31 6.74
CA ILE A 191 -12.73 -6.41 5.81
C ILE A 191 -13.17 -7.66 6.56
N HIS A 192 -13.49 -8.70 5.81
CA HIS A 192 -13.91 -9.97 6.34
C HIS A 192 -12.80 -11.00 6.16
N SER A 193 -12.73 -11.92 7.13
CA SER A 193 -11.75 -13.00 7.04
CA SER A 193 -11.75 -12.99 7.04
C SER A 193 -11.77 -13.76 5.71
N ASP A 194 -12.96 -14.01 5.18
CA ASP A 194 -13.07 -14.75 3.91
C ASP A 194 -12.38 -14.02 2.78
N GLN A 195 -12.43 -12.68 2.82
CA GLN A 195 -11.83 -11.88 1.78
C GLN A 195 -10.32 -12.02 1.80
N LEU A 196 -9.73 -11.92 3.00
CA LEU A 196 -8.28 -11.98 3.11
C LEU A 196 -7.78 -13.38 2.79
N SER A 197 -8.57 -14.40 3.13
CA SER A 197 -8.21 -15.77 2.87
C SER A 197 -7.90 -16.05 1.40
N LYS A 198 -8.61 -15.38 0.49
CA LYS A 198 -8.43 -15.64 -0.93
C LYS A 198 -7.02 -15.26 -1.42
N PHE A 199 -6.33 -14.35 -0.74
CA PHE A 199 -4.97 -14.02 -1.14
C PHE A 199 -4.00 -15.15 -0.91
N ARG A 200 -4.30 -15.99 0.06
CA ARG A 200 -3.41 -17.09 0.43
C ARG A 200 -3.49 -18.28 -0.53
N THR A 201 -4.38 -18.21 -1.54
CA THR A 201 -4.49 -19.20 -2.61
CA THR A 201 -4.42 -19.25 -2.57
C THR A 201 -3.45 -18.95 -3.70
N LEU A 202 -2.92 -17.73 -3.73
CA LEU A 202 -1.94 -17.35 -4.74
C LEU A 202 -0.65 -18.10 -4.53
N LEU A 203 0.04 -18.41 -5.63
CA LEU A 203 1.28 -19.19 -5.62
C LEU A 203 2.54 -18.35 -5.80
N SER A 204 3.63 -18.81 -5.17
CA SER A 204 4.95 -18.19 -5.21
C SER A 204 5.70 -18.66 -6.44
N LEU A 205 6.85 -18.06 -6.73
CA LEU A 205 7.65 -18.58 -7.82
C LEU A 205 8.30 -19.91 -7.40
N SER A 206 8.65 -20.76 -8.37
CA SER A 206 9.33 -22.01 -8.06
C SER A 206 10.75 -21.78 -7.53
N GLY A 210 11.87 -25.31 -3.92
CA GLY A 210 11.38 -26.20 -4.96
C GLY A 210 10.12 -25.67 -5.68
N LYS A 211 9.11 -26.53 -5.77
CA LYS A 211 7.86 -26.24 -6.47
C LYS A 211 7.14 -25.05 -5.85
N PRO A 212 6.29 -24.36 -6.64
CA PRO A 212 5.58 -23.21 -6.06
C PRO A 212 4.87 -23.57 -4.76
N HIS A 213 4.75 -22.61 -3.85
CA HIS A 213 4.02 -22.83 -2.60
C HIS A 213 3.03 -21.68 -2.45
N TYR A 214 2.04 -21.87 -1.60
CA TYR A 214 1.08 -20.79 -1.36
C TYR A 214 1.74 -19.62 -0.68
N ILE A 215 1.38 -18.43 -1.10
CA ILE A 215 1.86 -17.21 -0.46
C ILE A 215 0.97 -17.00 0.77
N THR A 216 1.30 -17.69 1.85
CA THR A 216 0.50 -17.59 3.06
C THR A 216 0.77 -16.29 3.78
N GLU A 217 1.90 -15.64 3.47
CA GLU A 217 2.26 -14.34 4.07
C GLU A 217 3.30 -13.68 3.19
N ASN A 218 3.31 -12.35 3.16
CA ASN A 218 4.30 -11.64 2.35
C ASN A 218 4.73 -10.32 2.99
N TYR A 219 4.34 -10.07 4.25
CA TYR A 219 4.79 -8.83 4.89
C TYR A 219 6.31 -8.91 5.18
N ARG A 220 6.93 -7.75 5.37
CA ARG A 220 8.33 -7.66 5.73
C ARG A 220 8.40 -7.20 7.17
N ASN A 221 9.19 -7.91 7.97
CA ASN A 221 9.41 -7.52 9.37
C ASN A 221 9.99 -6.10 9.46
N PRO A 222 9.72 -5.39 10.57
CA PRO A 222 10.16 -4.00 10.67
C PRO A 222 11.64 -3.85 10.99
N TYR A 223 12.19 -2.71 10.57
CA TYR A 223 13.55 -2.32 10.86
C TYR A 223 13.58 -1.24 11.94
N LYS A 224 14.67 -1.20 12.69
CA LYS A 224 14.81 -0.22 13.76
C LYS A 224 14.86 1.18 13.18
N LEU A 225 14.35 2.13 13.95
CA LEU A 225 14.34 3.52 13.53
C LEU A 225 15.72 4.13 13.78
N ASN A 226 16.33 4.71 12.75
CA ASN A 226 17.57 5.47 12.92
C ASN A 226 17.36 6.62 13.91
N ASP A 227 18.41 6.93 14.66
CA ASP A 227 18.34 8.02 15.65
C ASP A 227 17.90 9.34 15.03
N ASP A 228 18.23 9.58 13.77
CA ASP A 228 17.87 10.86 13.16
C ASP A 228 16.68 10.80 12.20
N THR A 229 15.91 9.72 12.25
CA THR A 229 14.65 9.69 11.49
C THR A 229 13.55 10.26 12.35
N GLU A 230 12.93 11.32 11.85
CA GLU A 230 11.80 11.92 12.54
C GLU A 230 10.50 11.42 11.95
N VAL A 231 9.53 11.19 12.83
CA VAL A 231 8.19 10.78 12.41
C VAL A 231 7.25 11.93 12.76
N TYR A 232 6.50 12.40 11.77
CA TYR A 232 5.59 13.52 11.94
C TYR A 232 4.15 13.04 11.96
N TYR A 233 3.29 13.73 12.70
CA TYR A 233 1.89 13.40 12.71
C TYR A 233 1.13 14.65 12.32
N SER A 234 0.14 14.50 11.45
CA SER A 234 -0.60 15.66 10.93
C SER A 234 -1.64 16.21 11.90
#